data_1GSL
#
_entry.id   1GSL
#
_cell.length_a   78.900
_cell.length_b   78.900
_cell.length_c   89.100
_cell.angle_alpha   90.00
_cell.angle_beta   90.00
_cell.angle_gamma   90.00
#
_symmetry.space_group_name_H-M   'P 42 21 2'
#
loop_
_entity.id
_entity.type
_entity.pdbx_description
1 polymer 'GRIFFONIA SIMPLICIFOLIA LECTIN 4'
2 branched 'alpha-L-fucopyranose-(1-2)-beta-D-galactopyranose-(1-4)-[alpha-L-fucopyranose-(1-3)]methyl 2-acetamido-2-deoxy-beta-D-glucopyranoside'
3 branched beta-D-mannopyranose-(1-4)-2-acetamido-2-deoxy-beta-D-glucopyranose-(1-4)-[alpha-L-fucopyranose-(1-3)]2-acetamido-2-deoxy-beta-D-glucopyranose
4 non-polymer 'MANGANESE (II) ION'
5 non-polymer 'CALCIUM ION'
6 water water
#
_entity_poly.entity_id   1
_entity_poly.type   'polypeptide(L)'
_entity_poly.pdbx_seq_one_letter_code
;(PCA)NTVNFTYPDFWSYSLKNGTEITFLGDATRIPGALQLTKTDANGNPVRSSAGQASYSEPVFLWDSTGKAASFYTSF
TFLLKNYGAPTADGLAFFLAPVDSSVKDYGGFLGLFRHETAADPSKNQVVAVEFDTWINKDWNDPPYPHIGIDVNSIVSV
ATTRWENDDAYGSSIATAHITYDARSKILTVLLSYEHGRDYILSHVVDLAKVLPQKVRIGFSAGVGYDEVTYILSWHFFS
TLDGTNK
;
_entity_poly.pdbx_strand_id   A
#
# COMPACT_ATOMS: atom_id res chain seq x y z
N ASN A 2 10.26 21.00 2.99
CA ASN A 2 10.81 19.70 2.67
C ASN A 2 10.10 18.47 3.23
N THR A 3 9.47 18.58 4.38
CA THR A 3 8.78 17.44 4.97
C THR A 3 7.25 17.55 4.87
N VAL A 4 6.54 16.46 5.21
CA VAL A 4 5.08 16.42 5.17
C VAL A 4 4.50 15.88 6.48
N ASN A 5 3.30 16.35 6.82
CA ASN A 5 2.62 15.92 8.04
C ASN A 5 1.10 16.10 7.90
N PHE A 6 0.36 15.00 7.78
CA PHE A 6 -1.08 15.08 7.65
C PHE A 6 -1.73 13.92 8.38
N THR A 7 -2.97 14.15 8.82
CA THR A 7 -3.76 13.16 9.54
C THR A 7 -5.22 13.25 9.11
N TYR A 8 -5.80 12.11 8.74
CA TYR A 8 -7.20 12.03 8.33
C TYR A 8 -7.71 11.01 9.34
N PRO A 9 -8.41 11.47 10.40
CA PRO A 9 -8.96 10.60 11.44
C PRO A 9 -10.01 9.67 10.87
N ASP A 10 -10.70 10.15 9.84
CA ASP A 10 -11.74 9.39 9.16
C ASP A 10 -11.92 10.06 7.80
N PHE A 11 -12.79 9.53 6.97
CA PHE A 11 -13.01 10.14 5.67
C PHE A 11 -14.48 10.52 5.46
N TRP A 12 -15.16 10.91 6.54
CA TRP A 12 -16.57 11.29 6.44
C TRP A 12 -16.78 12.62 5.69
N SER A 13 -15.68 13.32 5.39
CA SER A 13 -15.69 14.60 4.66
C SER A 13 -15.32 14.15 3.23
N TYR A 14 -16.28 13.53 2.55
CA TYR A 14 -16.10 13.01 1.18
C TYR A 14 -16.37 13.95 0.02
N SER A 15 -16.62 15.22 0.30
CA SER A 15 -16.89 16.15 -0.76
C SER A 15 -15.70 16.76 -1.47
N LEU A 16 -14.48 16.43 -1.04
CA LEU A 16 -13.31 16.97 -1.70
C LEU A 16 -13.13 16.47 -3.12
N LYS A 17 -12.79 17.41 -3.99
CA LYS A 17 -12.56 17.15 -5.41
C LYS A 17 -11.38 16.25 -5.71
N ASN A 18 -11.54 15.37 -6.69
CA ASN A 18 -10.48 14.45 -7.08
C ASN A 18 -9.23 15.24 -7.40
N GLY A 19 -8.11 14.85 -6.81
CA GLY A 19 -6.86 15.54 -7.06
C GLY A 19 -6.48 16.70 -6.19
N THR A 20 -7.28 17.08 -5.20
CA THR A 20 -6.85 18.21 -4.39
C THR A 20 -5.96 17.70 -3.27
N GLU A 21 -6.50 16.81 -2.44
CA GLU A 21 -5.73 16.26 -1.34
C GLU A 21 -5.36 14.84 -1.69
N ILE A 22 -6.34 14.11 -2.19
CA ILE A 22 -6.14 12.72 -2.59
C ILE A 22 -6.54 12.56 -4.04
N THR A 23 -5.77 11.75 -4.76
CA THR A 23 -6.02 11.50 -6.17
C THR A 23 -6.44 10.06 -6.31
N PHE A 24 -7.52 9.81 -7.05
CA PHE A 24 -8.00 8.46 -7.25
C PHE A 24 -7.73 8.06 -8.69
N LEU A 25 -7.20 6.86 -8.92
CA LEU A 25 -6.90 6.35 -10.25
C LEU A 25 -7.55 5.00 -10.47
N GLY A 26 -7.87 4.69 -11.72
CA GLY A 26 -8.49 3.42 -12.05
C GLY A 26 -9.88 3.36 -11.47
N ASP A 27 -10.17 2.28 -10.74
CA ASP A 27 -11.47 2.08 -10.12
C ASP A 27 -11.58 2.54 -8.65
N ALA A 28 -10.53 3.17 -8.13
CA ALA A 28 -10.54 3.64 -6.76
C ALA A 28 -11.51 4.81 -6.74
N THR A 29 -12.33 4.88 -5.72
CA THR A 29 -13.30 5.96 -5.63
C THR A 29 -13.51 6.42 -4.20
N ARG A 30 -13.96 7.64 -4.03
CA ARG A 30 -14.21 8.20 -2.71
C ARG A 30 -15.68 7.96 -2.35
N ILE A 31 -15.93 7.31 -1.24
CA ILE A 31 -17.30 7.06 -0.83
C ILE A 31 -17.41 7.63 0.58
N PRO A 32 -18.65 7.84 1.07
CA PRO A 32 -18.77 8.39 2.42
C PRO A 32 -18.04 7.54 3.48
N GLY A 33 -17.04 8.14 4.12
CA GLY A 33 -16.28 7.45 5.14
C GLY A 33 -15.12 6.57 4.74
N ALA A 34 -14.76 6.53 3.46
CA ALA A 34 -13.65 5.68 3.04
C ALA A 34 -13.16 5.93 1.62
N LEU A 35 -12.00 5.38 1.30
CA LEU A 35 -11.38 5.49 -0.02
C LEU A 35 -11.61 4.05 -0.41
N GLN A 36 -12.38 3.81 -1.46
CA GLN A 36 -12.65 2.44 -1.91
C GLN A 36 -11.63 2.15 -2.99
N LEU A 37 -10.81 1.13 -2.78
CA LEU A 37 -9.78 0.80 -3.76
C LEU A 37 -10.16 0.18 -5.11
N THR A 38 -11.18 -0.67 -5.16
CA THR A 38 -11.62 -1.29 -6.42
C THR A 38 -13.13 -1.15 -6.62
N LYS A 39 -13.61 -1.47 -7.82
CA LYS A 39 -15.03 -1.36 -8.16
C LYS A 39 -16.04 -2.37 -7.59
N THR A 40 -17.20 -1.85 -7.20
CA THR A 40 -18.29 -2.66 -6.65
C THR A 40 -19.52 -2.30 -7.45
N ASP A 41 -20.48 -3.22 -7.54
CA ASP A 41 -21.70 -2.96 -8.28
C ASP A 41 -22.66 -2.12 -7.43
N ALA A 42 -23.88 -1.95 -7.92
CA ALA A 42 -24.92 -1.18 -7.23
C ALA A 42 -25.05 -1.49 -5.73
N ASN A 43 -25.15 -2.78 -5.42
CA ASN A 43 -25.29 -3.28 -4.03
C ASN A 43 -24.02 -3.21 -3.19
N GLY A 44 -22.92 -2.79 -3.79
CA GLY A 44 -21.67 -2.71 -3.05
C GLY A 44 -20.98 -4.06 -3.05
N ASN A 45 -21.29 -4.88 -4.04
CA ASN A 45 -20.66 -6.20 -4.13
C ASN A 45 -19.42 -6.10 -5.02
N PRO A 46 -18.34 -6.80 -4.66
CA PRO A 46 -17.07 -6.82 -5.39
C PRO A 46 -17.17 -7.31 -6.82
N VAL A 47 -16.61 -6.54 -7.74
CA VAL A 47 -16.60 -6.86 -9.16
C VAL A 47 -15.23 -7.56 -9.40
N ARG A 48 -15.12 -8.41 -10.42
CA ARG A 48 -13.83 -9.09 -10.70
C ARG A 48 -12.90 -8.25 -11.58
N SER A 49 -11.62 -8.60 -11.59
CA SER A 49 -10.62 -7.90 -12.37
C SER A 49 -10.71 -6.38 -12.30
N SER A 50 -10.30 -5.81 -11.18
CA SER A 50 -10.35 -4.37 -11.00
C SER A 50 -9.08 -3.89 -10.29
N ALA A 51 -8.65 -2.68 -10.62
CA ALA A 51 -7.45 -2.10 -10.01
C ALA A 51 -7.72 -0.61 -9.75
N GLY A 52 -7.20 -0.09 -8.65
CA GLY A 52 -7.43 1.30 -8.36
C GLY A 52 -6.39 1.76 -7.37
N GLN A 53 -6.15 3.06 -7.31
CA GLN A 53 -5.18 3.60 -6.40
C GLN A 53 -5.67 4.92 -5.81
N ALA A 54 -5.33 5.17 -4.56
CA ALA A 54 -5.73 6.39 -3.88
C ALA A 54 -4.37 6.87 -3.36
N SER A 55 -3.91 8.02 -3.85
CA SER A 55 -2.62 8.55 -3.43
C SER A 55 -2.65 10.01 -3.03
N TYR A 56 -1.71 10.42 -2.18
CA TYR A 56 -1.66 11.79 -1.75
C TYR A 56 -1.32 12.58 -3.02
N SER A 57 -1.92 13.75 -3.20
CA SER A 57 -1.66 14.56 -4.38
C SER A 57 -0.31 15.23 -4.48
N GLU A 58 0.18 15.80 -3.38
CA GLU A 58 1.47 16.46 -3.38
C GLU A 58 2.64 15.48 -3.40
N PRO A 59 3.71 15.83 -4.12
CA PRO A 59 4.87 14.93 -4.17
C PRO A 59 5.49 14.90 -2.79
N VAL A 60 6.14 13.80 -2.45
CA VAL A 60 6.80 13.62 -1.17
C VAL A 60 8.31 13.50 -1.36
N PHE A 61 9.05 14.37 -0.68
CA PHE A 61 10.49 14.39 -0.73
C PHE A 61 11.09 13.22 0.05
N LEU A 62 11.95 12.46 -0.60
CA LEU A 62 12.61 11.30 0.01
C LEU A 62 14.09 11.55 0.31
N TRP A 63 14.79 12.14 -0.65
CA TRP A 63 16.21 12.42 -0.51
C TRP A 63 16.71 13.33 -1.63
N ASP A 64 17.95 13.79 -1.48
CA ASP A 64 18.60 14.65 -2.47
C ASP A 64 20.10 14.41 -2.37
N SER A 65 20.83 14.78 -3.43
CA SER A 65 22.27 14.59 -3.48
C SER A 65 23.09 15.14 -2.30
N THR A 66 22.51 16.06 -1.52
CA THR A 66 23.22 16.66 -0.38
C THR A 66 23.28 15.81 0.89
N GLY A 67 22.79 14.58 0.83
CA GLY A 67 22.82 13.71 2.00
C GLY A 67 21.54 13.67 2.83
N LYS A 68 20.69 14.68 2.68
CA LYS A 68 19.41 14.79 3.40
C LYS A 68 18.46 13.69 2.94
N ALA A 69 17.86 12.98 3.89
CA ALA A 69 16.93 11.90 3.59
C ALA A 69 15.82 11.94 4.63
N ALA A 70 14.63 11.57 4.19
CA ALA A 70 13.47 11.56 5.05
C ALA A 70 13.17 10.22 5.68
N SER A 71 12.91 10.25 6.99
CA SER A 71 12.55 9.05 7.73
C SER A 71 11.05 9.29 7.77
N PHE A 72 10.23 8.27 7.87
CA PHE A 72 8.80 8.53 7.91
C PHE A 72 8.03 7.50 8.69
N TYR A 73 6.77 7.81 8.89
CA TYR A 73 5.88 6.94 9.61
C TYR A 73 4.47 7.14 9.08
N THR A 74 3.80 6.06 8.71
CA THR A 74 2.46 6.19 8.21
C THR A 74 1.59 5.13 8.91
N SER A 75 0.38 5.52 9.25
CA SER A 75 -0.53 4.61 9.90
C SER A 75 -1.85 4.80 9.20
N PHE A 76 -2.64 3.74 9.15
CA PHE A 76 -3.91 3.79 8.52
C PHE A 76 -4.69 2.59 8.99
N THR A 77 -6.01 2.71 8.99
CA THR A 77 -6.85 1.60 9.40
C THR A 77 -7.59 1.26 8.10
N PHE A 78 -7.82 -0.01 7.87
CA PHE A 78 -8.51 -0.42 6.67
C PHE A 78 -9.40 -1.62 6.91
N LEU A 79 -10.41 -1.74 6.08
CA LEU A 79 -11.34 -2.84 6.18
C LEU A 79 -11.28 -3.59 4.87
N LEU A 80 -10.64 -4.74 4.90
CA LEU A 80 -10.53 -5.57 3.72
C LEU A 80 -11.78 -6.47 3.85
N LYS A 81 -12.83 -6.11 3.12
CA LYS A 81 -14.09 -6.85 3.12
C LYS A 81 -14.04 -8.13 2.27
N ASN A 82 -14.27 -9.27 2.90
CA ASN A 82 -14.24 -10.56 2.20
C ASN A 82 -15.57 -11.23 2.14
N TYR A 83 -15.83 -11.90 1.02
CA TYR A 83 -17.08 -12.62 0.79
C TYR A 83 -16.64 -14.07 0.59
N GLY A 84 -16.54 -14.81 1.69
CA GLY A 84 -16.11 -16.18 1.61
C GLY A 84 -14.61 -16.20 1.77
N ALA A 85 -14.01 -17.37 1.68
CA ALA A 85 -12.55 -17.49 1.82
C ALA A 85 -12.10 -18.66 0.97
N PRO A 86 -10.97 -18.50 0.25
CA PRO A 86 -10.18 -17.27 0.24
C PRO A 86 -10.76 -16.26 -0.73
N THR A 87 -10.04 -15.16 -0.91
CA THR A 87 -10.44 -14.09 -1.80
C THR A 87 -9.13 -13.69 -2.49
N ALA A 88 -9.18 -12.68 -3.35
CA ALA A 88 -8.00 -12.21 -4.07
C ALA A 88 -8.27 -10.76 -4.50
N ASP A 89 -7.24 -9.91 -4.64
CA ASP A 89 -5.83 -10.23 -4.42
C ASP A 89 -5.09 -9.55 -3.25
N GLY A 90 -5.65 -8.48 -2.69
CA GLY A 90 -5.00 -7.80 -1.58
C GLY A 90 -4.85 -6.32 -1.82
N LEU A 91 -4.03 -5.66 -1.01
CA LEU A 91 -3.82 -4.23 -1.16
C LEU A 91 -2.35 -3.97 -0.84
N ALA A 92 -1.91 -2.74 -1.02
CA ALA A 92 -0.54 -2.39 -0.74
C ALA A 92 -0.42 -0.91 -0.49
N PHE A 93 0.54 -0.54 0.34
CA PHE A 93 0.78 0.86 0.62
C PHE A 93 2.04 0.96 -0.25
N PHE A 94 2.22 2.03 -1.00
CA PHE A 94 3.41 2.11 -1.84
C PHE A 94 4.02 3.49 -1.99
N LEU A 95 5.19 3.51 -2.64
CA LEU A 95 5.98 4.71 -2.93
C LEU A 95 6.43 4.41 -4.34
N ALA A 96 6.05 5.28 -5.26
CA ALA A 96 6.37 5.16 -6.67
C ALA A 96 6.71 6.56 -7.22
N PRO A 97 7.24 6.64 -8.45
CA PRO A 97 7.57 7.95 -9.01
C PRO A 97 6.30 8.80 -9.12
N VAL A 98 6.47 10.10 -9.02
CA VAL A 98 5.38 11.08 -9.11
C VAL A 98 4.43 10.97 -10.33
N ASP A 99 4.96 10.56 -11.47
CA ASP A 99 4.19 10.43 -12.69
C ASP A 99 3.70 9.02 -13.01
N SER A 100 3.81 8.09 -12.06
CA SER A 100 3.36 6.72 -12.31
C SER A 100 1.84 6.66 -12.19
N SER A 101 1.25 5.56 -12.64
CA SER A 101 -0.19 5.40 -12.58
C SER A 101 -0.51 3.95 -12.30
N VAL A 102 -1.81 3.65 -12.18
CA VAL A 102 -2.26 2.30 -11.91
C VAL A 102 -1.95 1.35 -13.05
N LYS A 103 -1.53 0.15 -12.67
CA LYS A 103 -1.19 -0.89 -13.63
C LYS A 103 -2.14 -2.07 -13.65
N ASP A 104 -1.64 -3.27 -13.90
CA ASP A 104 -2.49 -4.45 -13.96
C ASP A 104 -3.23 -4.81 -12.69
N TYR A 105 -4.37 -5.48 -12.89
CA TYR A 105 -5.17 -5.90 -11.77
C TYR A 105 -4.77 -7.30 -11.34
N GLY A 106 -5.55 -7.88 -10.43
CA GLY A 106 -5.23 -9.22 -9.98
C GLY A 106 -4.01 -9.17 -9.05
N GLY A 107 -3.24 -10.26 -9.04
CA GLY A 107 -2.05 -10.37 -8.20
C GLY A 107 -0.98 -9.28 -8.27
N PHE A 108 -1.06 -8.38 -9.25
CA PHE A 108 -0.09 -7.31 -9.39
C PHE A 108 -0.42 -6.11 -8.52
N LEU A 109 -1.58 -6.16 -7.86
CA LEU A 109 -2.06 -5.11 -6.98
C LEU A 109 -2.05 -3.72 -7.60
N GLY A 110 -2.24 -3.68 -8.92
CA GLY A 110 -2.24 -2.42 -9.64
C GLY A 110 -0.89 -1.73 -9.59
N LEU A 111 0.15 -2.43 -9.16
CA LEU A 111 1.49 -1.85 -9.07
C LEU A 111 2.48 -2.24 -10.15
N PHE A 112 2.17 -3.31 -10.87
CA PHE A 112 3.05 -3.80 -11.94
C PHE A 112 2.27 -4.25 -13.17
N ARG A 113 3.01 -4.48 -14.26
CA ARG A 113 2.47 -4.93 -15.53
C ARG A 113 2.93 -6.39 -15.62
N HIS A 114 2.06 -7.26 -16.10
CA HIS A 114 2.40 -8.68 -16.23
C HIS A 114 3.78 -8.96 -16.85
N GLU A 115 4.09 -8.25 -17.95
CA GLU A 115 5.36 -8.42 -18.67
C GLU A 115 6.64 -8.14 -17.92
N THR A 116 6.62 -7.11 -17.07
CA THR A 116 7.82 -6.76 -16.31
C THR A 116 7.78 -6.94 -14.80
N ALA A 117 6.70 -7.50 -14.28
CA ALA A 117 6.53 -7.72 -12.86
C ALA A 117 7.67 -8.38 -12.07
N ALA A 118 8.40 -9.31 -12.67
CA ALA A 118 9.50 -9.98 -11.97
C ALA A 118 10.87 -9.46 -12.37
N ASP A 119 10.92 -8.31 -13.04
CA ASP A 119 12.20 -7.74 -13.46
C ASP A 119 12.49 -6.43 -12.70
N PRO A 120 13.37 -6.48 -11.69
CA PRO A 120 13.73 -5.31 -10.89
C PRO A 120 14.25 -4.11 -11.67
N SER A 121 14.89 -4.35 -12.80
CA SER A 121 15.41 -3.25 -13.60
C SER A 121 14.35 -2.47 -14.35
N LYS A 122 13.14 -3.02 -14.45
CA LYS A 122 12.06 -2.34 -15.16
C LYS A 122 10.99 -1.75 -14.25
N ASN A 123 11.24 -1.72 -12.94
CA ASN A 123 10.26 -1.17 -12.01
C ASN A 123 10.93 -0.28 -11.00
N GLN A 124 10.19 0.74 -10.52
CA GLN A 124 10.70 1.67 -9.51
C GLN A 124 9.55 1.83 -8.56
N VAL A 125 9.46 0.94 -7.59
CA VAL A 125 8.38 1.02 -6.63
C VAL A 125 8.72 0.17 -5.42
N VAL A 126 8.35 0.69 -4.26
CA VAL A 126 8.58 -0.02 -3.01
C VAL A 126 7.18 -0.10 -2.43
N ALA A 127 6.77 -1.28 -1.99
CA ALA A 127 5.44 -1.42 -1.45
C ALA A 127 5.37 -2.46 -0.37
N VAL A 128 4.43 -2.26 0.54
CA VAL A 128 4.19 -3.18 1.64
C VAL A 128 2.85 -3.71 1.21
N GLU A 129 2.82 -5.00 0.86
CA GLU A 129 1.61 -5.66 0.40
C GLU A 129 0.99 -6.56 1.46
N PHE A 130 -0.33 -6.63 1.43
CA PHE A 130 -1.13 -7.45 2.35
C PHE A 130 -1.79 -8.31 1.27
N ASP A 131 -1.13 -9.43 0.99
CA ASP A 131 -1.51 -10.41 -0.02
C ASP A 131 -2.48 -11.51 0.41
N THR A 132 -3.66 -11.57 -0.22
CA THR A 132 -4.66 -12.59 0.12
C THR A 132 -4.70 -13.82 -0.79
N TRP A 133 -4.00 -13.76 -1.93
CA TRP A 133 -3.98 -14.88 -2.88
C TRP A 133 -2.61 -15.42 -3.25
N ILE A 134 -2.49 -16.73 -3.16
CA ILE A 134 -1.25 -17.42 -3.48
C ILE A 134 -1.05 -17.57 -4.98
N ASN A 135 -0.14 -16.79 -5.54
CA ASN A 135 0.14 -16.87 -6.96
C ASN A 135 1.38 -17.75 -7.02
N LYS A 136 1.18 -19.05 -7.23
CA LYS A 136 2.30 -20.00 -7.30
C LYS A 136 3.27 -19.50 -8.37
N ASP A 137 2.73 -18.98 -9.47
CA ASP A 137 3.55 -18.48 -10.58
C ASP A 137 4.41 -17.23 -10.35
N TRP A 138 4.26 -16.56 -9.21
CA TRP A 138 5.07 -15.36 -8.94
C TRP A 138 5.81 -15.49 -7.61
N ASN A 139 5.96 -16.71 -7.15
CA ASN A 139 6.65 -17.01 -5.89
C ASN A 139 6.03 -16.65 -4.55
N ASP A 140 4.71 -16.60 -4.49
CA ASP A 140 4.08 -16.27 -3.22
C ASP A 140 4.24 -17.44 -2.26
N PRO A 141 4.42 -17.17 -0.95
CA PRO A 141 4.55 -18.31 -0.02
C PRO A 141 3.16 -18.98 0.02
N PRO A 142 3.07 -20.25 0.48
CA PRO A 142 1.80 -20.99 0.55
C PRO A 142 0.74 -20.59 1.59
N TYR A 143 0.50 -19.28 1.73
CA TYR A 143 -0.49 -18.77 2.69
C TYR A 143 -0.59 -17.26 2.54
N PRO A 144 -1.68 -16.65 3.05
CA PRO A 144 -1.82 -15.18 2.93
C PRO A 144 -0.59 -14.61 3.68
N HIS A 145 -0.08 -13.46 3.23
CA HIS A 145 1.08 -12.89 3.89
C HIS A 145 1.20 -11.40 3.70
N ILE A 146 2.15 -10.82 4.42
CA ILE A 146 2.45 -9.40 4.38
C ILE A 146 3.84 -9.43 3.76
N GLY A 147 4.09 -8.61 2.75
CA GLY A 147 5.40 -8.64 2.14
C GLY A 147 5.92 -7.27 1.82
N ILE A 148 7.23 -7.21 1.63
CA ILE A 148 7.91 -5.98 1.30
C ILE A 148 8.43 -6.19 -0.11
N ASP A 149 7.95 -5.34 -1.01
CA ASP A 149 8.34 -5.42 -2.40
C ASP A 149 9.24 -4.31 -2.84
N VAL A 150 10.36 -4.66 -3.42
CA VAL A 150 11.28 -3.66 -3.89
C VAL A 150 11.48 -3.87 -5.40
N ASN A 151 10.81 -3.04 -6.20
CA ASN A 151 10.91 -3.12 -7.66
C ASN A 151 10.46 -4.42 -8.30
N SER A 152 9.62 -5.18 -7.61
CA SER A 152 9.17 -6.42 -8.18
C SER A 152 8.02 -6.96 -7.35
N ILE A 153 7.11 -7.68 -8.00
CA ILE A 153 5.97 -8.25 -7.30
C ILE A 153 6.42 -9.39 -6.38
N VAL A 154 7.66 -9.87 -6.58
CA VAL A 154 8.23 -10.96 -5.76
C VAL A 154 8.95 -10.34 -4.55
N SER A 155 8.26 -10.38 -3.40
CA SER A 155 8.72 -9.84 -2.12
C SER A 155 10.12 -10.23 -1.67
N VAL A 156 10.86 -9.27 -1.14
CA VAL A 156 12.19 -9.55 -0.66
C VAL A 156 12.06 -10.20 0.71
N ALA A 157 10.90 -10.02 1.36
CA ALA A 157 10.63 -10.58 2.68
C ALA A 157 9.14 -10.64 2.88
N THR A 158 8.70 -11.63 3.64
CA THR A 158 7.30 -11.84 3.94
C THR A 158 7.12 -12.42 5.35
N THR A 159 5.89 -12.49 5.81
CA THR A 159 5.58 -13.04 7.13
C THR A 159 4.13 -13.53 7.02
N ARG A 160 3.83 -14.66 7.66
CA ARG A 160 2.51 -15.26 7.65
C ARG A 160 1.41 -14.31 8.14
N TRP A 161 0.28 -14.31 7.44
CA TRP A 161 -0.87 -13.49 7.78
C TRP A 161 -1.91 -14.56 7.94
N GLU A 162 -2.34 -14.82 9.17
CA GLU A 162 -3.32 -15.86 9.40
C GLU A 162 -4.64 -15.73 8.64
N ASN A 163 -5.14 -16.87 8.17
CA ASN A 163 -6.39 -16.94 7.42
C ASN A 163 -7.56 -16.25 8.10
N ASP A 164 -7.65 -16.39 9.43
CA ASP A 164 -8.74 -15.77 10.20
C ASP A 164 -8.70 -14.25 10.13
N ASP A 165 -7.52 -13.70 9.88
CA ASP A 165 -7.37 -12.26 9.79
C ASP A 165 -7.46 -11.80 8.37
N ALA A 166 -6.75 -12.49 7.48
CA ALA A 166 -6.76 -12.15 6.08
C ALA A 166 -8.19 -12.17 5.53
N TYR A 167 -8.97 -13.17 5.92
CA TYR A 167 -10.34 -13.28 5.44
C TYR A 167 -11.39 -13.02 6.52
N GLY A 168 -11.00 -12.33 7.59
CA GLY A 168 -11.94 -12.05 8.65
C GLY A 168 -12.81 -10.81 8.51
N SER A 169 -12.44 -9.87 7.65
CA SER A 169 -13.23 -8.65 7.46
C SER A 169 -13.37 -7.77 8.69
N SER A 170 -12.33 -7.71 9.51
CA SER A 170 -12.32 -6.88 10.73
C SER A 170 -11.42 -5.70 10.42
N ILE A 171 -11.59 -4.60 11.12
CA ILE A 171 -10.75 -3.44 10.89
C ILE A 171 -9.35 -3.68 11.45
N ALA A 172 -8.32 -3.37 10.68
CA ALA A 172 -6.95 -3.55 11.11
C ALA A 172 -6.28 -2.21 11.05
N THR A 173 -5.22 -2.06 11.83
CA THR A 173 -4.48 -0.81 11.85
C THR A 173 -3.07 -1.17 11.48
N ALA A 174 -2.47 -0.44 10.54
CA ALA A 174 -1.11 -0.70 10.10
C ALA A 174 -0.23 0.50 10.40
N HIS A 175 1.02 0.23 10.77
CA HIS A 175 1.99 1.26 11.07
C HIS A 175 3.18 0.85 10.24
N ILE A 176 3.71 1.76 9.44
CA ILE A 176 4.86 1.44 8.61
C ILE A 176 5.83 2.57 8.88
N THR A 177 7.07 2.22 9.20
CA THR A 177 8.10 3.23 9.48
C THR A 177 9.32 2.98 8.64
N TYR A 178 10.06 4.05 8.37
CA TYR A 178 11.27 3.93 7.59
C TYR A 178 12.29 4.80 8.25
N ASP A 179 13.42 4.20 8.62
CA ASP A 179 14.47 4.95 9.27
C ASP A 179 15.49 5.19 8.17
N ALA A 180 15.61 6.45 7.74
CA ALA A 180 16.55 6.82 6.66
C ALA A 180 18.03 6.69 7.01
N ARG A 181 18.37 6.59 8.30
CA ARG A 181 19.76 6.45 8.71
C ARG A 181 20.17 4.98 8.65
N SER A 182 19.38 4.09 9.23
CA SER A 182 19.72 2.68 9.20
C SER A 182 19.16 1.96 7.98
N LYS A 183 18.35 2.67 7.18
CA LYS A 183 17.72 2.11 5.97
C LYS A 183 16.83 0.94 6.35
N ILE A 184 15.98 1.14 7.36
CA ILE A 184 15.11 0.08 7.78
C ILE A 184 13.62 0.37 7.64
N LEU A 185 12.94 -0.54 6.99
CA LEU A 185 11.51 -0.40 6.80
C LEU A 185 10.87 -1.44 7.72
N THR A 186 9.91 -1.00 8.52
CA THR A 186 9.23 -1.87 9.46
C THR A 186 7.74 -1.77 9.29
N VAL A 187 7.06 -2.91 9.32
CA VAL A 187 5.62 -2.93 9.18
C VAL A 187 5.02 -3.58 10.42
N LEU A 188 3.97 -2.97 10.95
CA LEU A 188 3.28 -3.48 12.12
C LEU A 188 1.81 -3.47 11.75
N LEU A 189 1.15 -4.61 11.92
CA LEU A 189 -0.26 -4.73 11.63
C LEU A 189 -0.92 -5.24 12.90
N SER A 190 -1.95 -4.54 13.35
CA SER A 190 -2.66 -4.91 14.57
C SER A 190 -4.18 -5.04 14.41
N TYR A 191 -4.75 -5.94 15.19
CA TYR A 191 -6.19 -6.18 15.18
C TYR A 191 -6.54 -5.93 16.64
N GLU A 192 -7.54 -5.10 16.86
CA GLU A 192 -7.98 -4.75 18.20
C GLU A 192 -8.01 -5.87 19.25
N HIS A 193 -8.78 -6.92 19.02
CA HIS A 193 -8.80 -7.97 20.03
C HIS A 193 -8.09 -9.22 19.56
N GLY A 194 -7.08 -9.04 18.71
CA GLY A 194 -6.35 -10.16 18.19
C GLY A 194 -4.85 -10.00 18.32
N ARG A 195 -4.14 -10.53 17.33
CA ARG A 195 -2.69 -10.46 17.32
C ARG A 195 -2.05 -9.32 16.52
N ASP A 196 -0.72 -9.27 16.57
CA ASP A 196 0.04 -8.27 15.88
C ASP A 196 0.96 -9.01 14.95
N TYR A 197 1.34 -8.35 13.87
CA TYR A 197 2.24 -8.91 12.86
C TYR A 197 3.40 -7.93 12.76
N ILE A 198 4.62 -8.44 12.61
CA ILE A 198 5.82 -7.62 12.52
C ILE A 198 6.68 -8.10 11.36
N LEU A 199 7.18 -7.19 10.53
CA LEU A 199 8.02 -7.52 9.41
C LEU A 199 8.91 -6.32 9.14
N SER A 200 10.21 -6.47 9.37
CA SER A 200 11.18 -5.40 9.15
C SER A 200 12.21 -5.93 8.17
N HIS A 201 12.76 -5.02 7.37
CA HIS A 201 13.74 -5.42 6.40
C HIS A 201 14.60 -4.22 6.04
N VAL A 202 15.87 -4.48 5.76
CA VAL A 202 16.76 -3.41 5.39
C VAL A 202 16.56 -3.13 3.91
N VAL A 203 16.26 -1.88 3.58
CA VAL A 203 16.04 -1.43 2.20
C VAL A 203 16.35 0.06 2.15
N ASP A 204 17.31 0.43 1.31
CA ASP A 204 17.72 1.82 1.15
C ASP A 204 16.88 2.45 0.07
N LEU A 205 15.87 3.19 0.48
CA LEU A 205 14.97 3.86 -0.43
C LEU A 205 15.66 4.80 -1.43
N ALA A 206 16.76 5.42 -1.01
CA ALA A 206 17.51 6.33 -1.87
C ALA A 206 18.10 5.63 -3.10
N LYS A 207 18.48 4.37 -2.95
CA LYS A 207 19.06 3.62 -4.06
C LYS A 207 18.04 3.07 -5.04
N VAL A 208 16.77 2.99 -4.66
CA VAL A 208 15.75 2.46 -5.56
C VAL A 208 14.65 3.38 -6.06
N LEU A 209 14.44 4.52 -5.42
CA LEU A 209 13.38 5.42 -5.87
C LEU A 209 13.92 6.80 -6.15
N PRO A 210 13.17 7.61 -6.91
CA PRO A 210 13.59 8.98 -7.25
C PRO A 210 13.50 9.89 -6.01
N GLN A 211 14.03 11.09 -6.13
CA GLN A 211 14.04 12.05 -5.04
C GLN A 211 12.69 12.44 -4.49
N LYS A 212 11.68 12.50 -5.34
CA LYS A 212 10.32 12.86 -4.90
C LYS A 212 9.44 11.70 -5.35
N VAL A 213 8.51 11.27 -4.51
CA VAL A 213 7.64 10.17 -4.90
C VAL A 213 6.19 10.50 -4.57
N ARG A 214 5.27 9.60 -4.92
CA ARG A 214 3.86 9.81 -4.62
C ARG A 214 3.63 8.62 -3.68
N ILE A 215 2.82 8.80 -2.65
CA ILE A 215 2.55 7.71 -1.72
C ILE A 215 1.07 7.37 -1.76
N GLY A 216 0.70 6.13 -1.48
CA GLY A 216 -0.70 5.83 -1.51
C GLY A 216 -1.01 4.39 -1.35
N PHE A 217 -2.25 4.05 -1.69
CA PHE A 217 -2.74 2.70 -1.62
C PHE A 217 -3.09 2.21 -2.98
N SER A 218 -2.86 0.93 -3.20
CA SER A 218 -3.13 0.32 -4.47
C SER A 218 -3.73 -1.03 -4.17
N ALA A 219 -4.70 -1.42 -4.98
CA ALA A 219 -5.35 -2.70 -4.80
C ALA A 219 -5.62 -3.29 -6.18
N GLY A 220 -5.75 -4.61 -6.21
CA GLY A 220 -6.03 -5.28 -7.46
C GLY A 220 -6.81 -6.53 -7.12
N VAL A 221 -7.84 -6.83 -7.90
CA VAL A 221 -8.66 -8.02 -7.69
C VAL A 221 -8.84 -8.66 -9.08
N GLY A 222 -9.18 -9.94 -9.17
CA GLY A 222 -9.40 -10.79 -8.00
C GLY A 222 -10.89 -11.12 -7.92
N TYR A 223 -11.35 -11.54 -6.74
CA TYR A 223 -12.76 -11.87 -6.59
C TYR A 223 -13.17 -11.88 -5.11
N ASP A 224 -14.44 -11.55 -4.88
CA ASP A 224 -15.05 -11.51 -3.54
C ASP A 224 -14.27 -10.69 -2.54
N GLU A 225 -13.78 -9.53 -2.94
CA GLU A 225 -13.01 -8.71 -2.03
C GLU A 225 -12.99 -7.25 -2.45
N VAL A 226 -12.95 -6.36 -1.48
CA VAL A 226 -12.90 -4.91 -1.72
C VAL A 226 -12.28 -4.28 -0.46
N THR A 227 -11.35 -3.36 -0.66
CA THR A 227 -10.67 -2.70 0.43
C THR A 227 -11.09 -1.26 0.61
N TYR A 228 -11.30 -0.88 1.86
CA TYR A 228 -11.69 0.48 2.21
C TYR A 228 -10.63 1.02 3.16
N ILE A 229 -10.10 2.20 2.90
CA ILE A 229 -9.10 2.79 3.80
C ILE A 229 -9.93 3.72 4.66
N LEU A 230 -9.98 3.47 5.96
CA LEU A 230 -10.76 4.30 6.86
C LEU A 230 -10.12 5.54 7.44
N SER A 231 -8.79 5.54 7.56
CA SER A 231 -8.07 6.68 8.12
C SER A 231 -6.65 6.66 7.58
N TRP A 232 -5.94 7.77 7.74
CA TRP A 232 -4.58 7.82 7.24
C TRP A 232 -3.80 8.97 7.83
N HIS A 233 -2.60 8.64 8.28
CA HIS A 233 -1.71 9.61 8.86
C HIS A 233 -0.32 9.37 8.26
N PHE A 234 0.40 10.44 7.96
CA PHE A 234 1.72 10.34 7.38
C PHE A 234 2.58 11.47 7.98
N PHE A 235 3.82 11.16 8.30
CA PHE A 235 4.73 12.13 8.87
C PHE A 235 6.16 11.83 8.42
N SER A 236 6.91 12.84 8.02
CA SER A 236 8.28 12.59 7.60
C SER A 236 9.17 13.61 8.27
N THR A 237 10.42 13.25 8.51
CA THR A 237 11.37 14.12 9.16
C THR A 237 12.74 13.92 8.51
N LEU A 238 13.56 14.96 8.53
CA LEU A 238 14.91 14.92 7.97
C LEU A 238 15.94 14.68 9.07
N ASP A 239 15.47 14.48 10.31
CA ASP A 239 16.33 14.25 11.46
C ASP A 239 17.50 13.32 11.24
N GLY A 240 18.66 13.76 11.71
CA GLY A 240 19.88 12.97 11.57
C GLY A 240 20.54 12.97 10.20
N THR A 241 20.11 13.82 9.27
CA THR A 241 20.75 13.82 7.95
C THR A 241 21.35 15.19 7.55
N ASN A 242 22.20 15.72 8.43
CA ASN A 242 22.90 17.00 8.28
C ASN A 242 22.02 18.24 8.38
N LYS A 243 20.72 18.08 8.14
CA LYS A 243 19.76 19.19 8.20
C LYS A 243 18.42 18.68 8.76
#